data_6J7E
#
_entry.id   6J7E
#
_cell.length_a   104.549
_cell.length_b   104.549
_cell.length_c   42.762
_cell.angle_alpha   90.00
_cell.angle_beta   90.00
_cell.angle_gamma   120.00
#
_symmetry.space_group_name_H-M   'P 65'
#
loop_
_entity.id
_entity.type
_entity.pdbx_description
1 polymer 'Nitrogen assimilation regulatory protein'
2 non-polymer 'PHOSPHOTHIOPHOSPHORIC ACID-ADENYLATE ESTER'
3 non-polymer 'MAGNESIUM ION'
4 non-polymer GLYCEROL
5 water water
#
_entity_poly.entity_id   1
_entity_poly.type   'polypeptide(L)'
_entity_poly.pdbx_seq_one_letter_code
;GPLGSLFRSLVGTSRAIQQVRQMMQQVADTDASVLILGESGTGKEVVARNLHYHSKRREGPFVPVNCGAIPAELLESELF
GHEKGAFTGAITSRAGRFELANGGTLFLDEIGDMPLPMQVKLLRVLQERTFERVGSNKTQNVDVRIIAATHKNLEKMIED
GTFREDLYYRLNVFPIEMAPLRERVEDIALLLNELISRMEHEKRGSIRFNSAAIMSLCRHDWPGNVRELANLVERLAIMH
PYGVIGVGELPKKFRHVDDEDEQ
;
_entity_poly.pdbx_strand_id   A
#
loop_
_chem_comp.id
_chem_comp.type
_chem_comp.name
_chem_comp.formula
AGS non-polymer 'PHOSPHOTHIOPHOSPHORIC ACID-ADENYLATE ESTER' 'C10 H16 N5 O12 P3 S'
GOL non-polymer GLYCEROL 'C3 H8 O3'
MG non-polymer 'MAGNESIUM ION' 'Mg 2'
#
# COMPACT_ATOMS: atom_id res chain seq x y z
N PHE A 7 8.33 6.47 -7.60
CA PHE A 7 8.57 5.12 -7.09
C PHE A 7 9.88 4.99 -6.28
N ARG A 8 9.87 4.05 -5.35
CA ARG A 8 11.08 3.47 -4.80
C ARG A 8 11.28 2.13 -5.49
N SER A 9 12.46 1.56 -5.42
CA SER A 9 12.54 0.16 -5.77
C SER A 9 12.54 -0.67 -4.51
N LEU A 10 12.14 -1.94 -4.68
CA LEU A 10 12.12 -2.88 -3.60
C LEU A 10 13.51 -3.44 -3.45
N VAL A 11 14.19 -3.00 -2.41
CA VAL A 11 15.56 -3.38 -2.20
C VAL A 11 15.58 -4.79 -1.60
N GLY A 12 16.62 -5.57 -1.87
CA GLY A 12 16.77 -6.87 -1.21
C GLY A 12 17.04 -8.04 -2.12
N THR A 13 17.55 -9.13 -1.54
CA THR A 13 18.02 -10.25 -2.34
C THR A 13 17.45 -11.59 -1.89
N SER A 14 16.48 -11.55 -0.98
CA SER A 14 15.79 -12.76 -0.60
C SER A 14 15.04 -13.31 -1.82
N ARG A 15 14.75 -14.61 -1.83
CA ARG A 15 14.03 -15.17 -2.98
C ARG A 15 12.64 -14.60 -2.99
N ALA A 16 12.11 -14.28 -1.83
CA ALA A 16 10.76 -13.74 -1.71
C ALA A 16 10.65 -12.45 -2.49
N ILE A 17 11.56 -11.52 -2.21
CA ILE A 17 11.49 -10.20 -2.79
C ILE A 17 11.85 -10.24 -4.28
N GLN A 18 12.69 -11.20 -4.65
CA GLN A 18 13.00 -11.39 -6.04
C GLN A 18 11.77 -11.92 -6.80
N GLN A 19 11.03 -12.85 -6.19
CA GLN A 19 9.78 -13.33 -6.79
C GLN A 19 8.81 -12.15 -6.95
N VAL A 20 8.63 -11.37 -5.89
CA VAL A 20 7.80 -10.15 -5.94
C VAL A 20 8.19 -9.26 -7.12
N ARG A 21 9.49 -9.09 -7.35
CA ARG A 21 9.93 -8.30 -8.48
C ARG A 21 9.52 -8.93 -9.81
N GLN A 22 9.68 -10.25 -9.92
CA GLN A 22 9.34 -10.96 -11.15
C GLN A 22 7.86 -10.80 -11.49
N MET A 23 7.00 -11.13 -10.53
CA MET A 23 5.55 -10.96 -10.72
C MET A 23 5.14 -9.53 -11.01
N MET A 24 5.78 -8.57 -10.33
CA MET A 24 5.55 -7.16 -10.66
C MET A 24 5.82 -6.91 -12.12
N GLN A 25 6.98 -7.37 -12.61
CA GLN A 25 7.35 -7.22 -14.03
C GLN A 25 6.30 -7.89 -14.91
N GLN A 26 5.66 -8.93 -14.40
CA GLN A 26 4.70 -9.63 -15.25
C GLN A 26 3.29 -9.04 -15.32
N VAL A 27 2.84 -8.37 -14.26
CA VAL A 27 1.46 -7.92 -14.28
C VAL A 27 1.37 -6.42 -14.61
N ALA A 28 2.46 -5.68 -14.39
CA ALA A 28 2.49 -4.21 -14.51
C ALA A 28 1.77 -3.63 -15.73
N ASP A 29 2.35 -3.98 -17.01
CA ASP A 29 1.65 -3.38 -18.15
C ASP A 29 0.45 -4.17 -18.69
N THR A 30 -0.27 -4.81 -17.79
CA THR A 30 -1.54 -5.46 -18.07
C THR A 30 -2.56 -4.61 -17.33
N ASP A 31 -3.85 -4.78 -17.58
CA ASP A 31 -4.82 -4.00 -16.83
C ASP A 31 -5.57 -4.86 -15.80
N ALA A 32 -4.96 -5.98 -15.42
CA ALA A 32 -5.56 -6.87 -14.43
C ALA A 32 -5.57 -6.30 -12.99
N SER A 33 -6.68 -6.52 -12.30
CA SER A 33 -6.75 -6.18 -10.89
C SER A 33 -5.65 -6.89 -10.14
N VAL A 34 -4.86 -6.12 -9.37
CA VAL A 34 -3.78 -6.73 -8.58
C VAL A 34 -4.10 -6.68 -7.10
N LEU A 35 -3.98 -7.81 -6.40
CA LEU A 35 -4.14 -7.78 -4.94
C LEU A 35 -2.82 -8.03 -4.25
N ILE A 36 -2.38 -7.06 -3.44
CA ILE A 36 -1.14 -7.19 -2.67
C ILE A 36 -1.44 -7.49 -1.20
N LEU A 37 -0.93 -8.61 -0.73
CA LEU A 37 -1.20 -9.06 0.63
C LEU A 37 0.08 -9.02 1.42
N GLY A 38 0.00 -8.53 2.64
CA GLY A 38 1.20 -8.40 3.44
C GLY A 38 0.88 -7.63 4.70
N GLU A 39 1.73 -7.80 5.70
CA GLU A 39 1.55 -7.10 6.94
C GLU A 39 1.79 -5.63 6.72
N SER A 40 1.38 -4.86 7.70
CA SER A 40 1.62 -3.45 7.77
C SER A 40 3.11 -3.18 7.61
N GLY A 41 3.44 -2.20 6.77
CA GLY A 41 4.81 -1.78 6.60
C GLY A 41 5.68 -2.59 5.65
N THR A 42 5.11 -3.52 4.89
CA THR A 42 5.96 -4.45 4.13
C THR A 42 6.21 -4.05 2.69
N GLY A 43 5.77 -2.85 2.31
CA GLY A 43 6.02 -2.32 0.97
C GLY A 43 4.86 -2.33 -0.02
N LYS A 44 3.66 -2.64 0.43
CA LYS A 44 2.56 -2.92 -0.48
C LYS A 44 2.24 -1.71 -1.37
N GLU A 45 2.32 -0.53 -0.78
CA GLU A 45 2.10 0.67 -1.55
C GLU A 45 3.25 0.94 -2.53
N VAL A 46 4.50 0.74 -2.09
CA VAL A 46 5.65 0.80 -3.00
C VAL A 46 5.34 -0.01 -4.23
N VAL A 47 5.09 -1.30 -3.99
CA VAL A 47 4.70 -2.22 -5.03
C VAL A 47 3.62 -1.62 -5.92
N ALA A 48 2.56 -1.08 -5.33
CA ALA A 48 1.49 -0.46 -6.13
C ALA A 48 1.92 0.75 -7.03
N ARG A 49 2.68 1.68 -6.47
CA ARG A 49 3.16 2.85 -7.20
C ARG A 49 4.09 2.43 -8.32
N ASN A 50 4.91 1.43 -8.04
CA ASN A 50 5.80 0.88 -9.05
C ASN A 50 5.04 0.21 -10.19
N LEU A 51 4.06 -0.61 -9.83
CA LEU A 51 3.22 -1.21 -10.84
C LEU A 51 2.71 -0.11 -11.73
N HIS A 52 2.10 0.89 -11.11
CA HIS A 52 1.47 1.97 -11.86
C HIS A 52 2.43 2.70 -12.81
N TYR A 53 3.61 3.09 -12.33
CA TYR A 53 4.51 3.88 -13.16
C TYR A 53 5.14 3.04 -14.27
N HIS A 54 5.01 1.73 -14.14
CA HIS A 54 5.36 0.83 -15.22
C HIS A 54 4.09 0.23 -15.81
N SER A 55 3.02 1.01 -15.90
CA SER A 55 1.78 0.54 -16.52
C SER A 55 1.40 1.38 -17.75
N LYS A 56 0.34 0.98 -18.45
CA LYS A 56 -0.20 1.79 -19.54
C LYS A 56 -0.72 3.11 -18.99
N ARG A 57 -1.09 3.07 -17.71
CA ARG A 57 -1.60 4.23 -16.99
C ARG A 57 -0.49 5.12 -16.46
N ARG A 58 0.76 4.83 -16.80
CA ARG A 58 1.89 5.39 -16.06
C ARG A 58 1.93 6.91 -16.06
N GLU A 59 1.17 7.55 -16.94
CA GLU A 59 1.17 9.01 -16.93
C GLU A 59 -0.22 9.58 -16.60
N GLY A 60 -1.16 8.70 -16.28
CA GLY A 60 -2.44 9.10 -15.73
C GLY A 60 -2.30 9.14 -14.21
N PRO A 61 -3.35 9.57 -13.52
CA PRO A 61 -3.39 9.79 -12.07
C PRO A 61 -3.27 8.51 -11.24
N PHE A 62 -2.56 8.60 -10.10
CA PHE A 62 -2.54 7.54 -9.10
C PHE A 62 -3.39 7.94 -7.90
N VAL A 63 -4.53 7.27 -7.72
CA VAL A 63 -5.50 7.71 -6.71
C VAL A 63 -5.75 6.74 -5.54
N PRO A 64 -5.13 7.01 -4.37
CA PRO A 64 -5.35 6.23 -3.13
C PRO A 64 -6.73 6.40 -2.50
N VAL A 65 -7.22 5.31 -1.88
CA VAL A 65 -8.51 5.26 -1.20
C VAL A 65 -8.29 4.50 0.08
N ASN A 66 -8.31 5.19 1.22
CA ASN A 66 -8.04 4.54 2.50
C ASN A 66 -9.35 4.08 3.12
N CYS A 67 -9.59 2.78 2.99
CA CYS A 67 -10.93 2.23 3.07
C CYS A 67 -11.57 2.33 4.45
N GLY A 68 -10.76 2.30 5.52
CA GLY A 68 -11.34 2.36 6.85
C GLY A 68 -11.32 3.77 7.45
N ALA A 69 -10.86 4.73 6.66
CA ALA A 69 -10.59 6.07 7.16
C ALA A 69 -11.45 7.09 6.44
N ILE A 70 -12.62 6.65 6.00
CA ILE A 70 -13.62 7.54 5.46
C ILE A 70 -14.91 7.32 6.25
N PRO A 71 -15.60 8.41 6.64
CA PRO A 71 -16.91 8.31 7.32
C PRO A 71 -17.94 7.57 6.48
N ALA A 72 -18.61 6.55 7.02
CA ALA A 72 -19.54 5.72 6.23
C ALA A 72 -20.60 6.60 5.62
N GLU A 73 -21.07 7.53 6.44
CA GLU A 73 -22.06 8.54 6.05
C GLU A 73 -21.72 9.28 4.75
N LEU A 74 -20.43 9.32 4.40
CA LEU A 74 -19.96 10.01 3.21
C LEU A 74 -19.21 9.11 2.24
N LEU A 75 -19.03 7.86 2.64
CA LEU A 75 -18.15 6.96 1.90
C LEU A 75 -18.56 6.84 0.44
N GLU A 76 -19.84 6.66 0.21
CA GLU A 76 -20.34 6.52 -1.14
C GLU A 76 -19.96 7.76 -1.91
N SER A 77 -20.25 8.92 -1.32
CA SER A 77 -20.06 10.15 -2.08
C SER A 77 -18.56 10.39 -2.24
N GLU A 78 -17.73 9.80 -1.37
CA GLU A 78 -16.29 10.05 -1.53
C GLU A 78 -15.80 9.20 -2.68
N LEU A 79 -16.43 8.07 -2.86
CA LEU A 79 -15.95 7.12 -3.84
C LEU A 79 -16.50 7.45 -5.19
N PHE A 80 -17.70 7.98 -5.23
CA PHE A 80 -18.40 8.04 -6.48
C PHE A 80 -18.85 9.44 -6.83
N GLY A 81 -18.54 10.39 -5.94
CA GLY A 81 -18.87 11.78 -6.21
C GLY A 81 -20.36 12.01 -6.02
N HIS A 82 -20.77 13.28 -6.02
CA HIS A 82 -22.18 13.60 -5.88
C HIS A 82 -22.48 14.81 -6.73
N GLU A 83 -23.74 14.94 -7.14
CA GLU A 83 -24.09 16.19 -7.80
C GLU A 83 -25.00 17.01 -6.91
N LYS A 84 -24.93 18.32 -7.09
CA LYS A 84 -25.50 19.34 -6.20
C LYS A 84 -26.87 19.00 -5.64
N GLY A 85 -26.95 19.02 -4.30
CA GLY A 85 -28.22 18.79 -3.64
C GLY A 85 -28.58 17.32 -3.55
N ALA A 86 -27.57 16.45 -3.58
CA ALA A 86 -27.81 15.04 -3.39
C ALA A 86 -28.26 14.80 -1.94
N PHE A 87 -27.55 15.40 -1.00
CA PHE A 87 -27.87 15.32 0.42
C PHE A 87 -27.70 16.69 1.10
N THR A 88 -27.69 16.70 2.43
CA THR A 88 -27.44 17.94 3.17
C THR A 88 -25.96 18.25 3.23
N GLY A 89 -25.60 19.45 2.77
CA GLY A 89 -24.20 19.86 2.70
C GLY A 89 -23.72 19.86 1.25
N ALA A 90 -24.57 19.31 0.39
CA ALA A 90 -24.24 19.18 -1.03
C ALA A 90 -24.58 20.45 -1.80
N ILE A 91 -23.74 21.47 -1.67
CA ILE A 91 -23.91 22.75 -2.36
C ILE A 91 -23.08 22.81 -3.67
N THR A 92 -21.93 22.13 -3.67
CA THR A 92 -21.11 21.95 -4.88
C THR A 92 -21.41 20.59 -5.51
N SER A 93 -20.59 20.21 -6.48
CA SER A 93 -20.73 18.90 -7.09
C SER A 93 -19.37 18.22 -7.24
N ARG A 94 -19.14 17.24 -6.38
CA ARG A 94 -17.87 16.54 -6.23
C ARG A 94 -17.64 15.44 -7.29
N ALA A 95 -16.40 15.33 -7.74
CA ALA A 95 -16.00 14.15 -8.48
C ALA A 95 -15.47 13.13 -7.47
N GLY A 96 -15.76 11.86 -7.71
CA GLY A 96 -15.37 10.84 -6.76
C GLY A 96 -13.96 10.38 -7.01
N ARG A 97 -13.46 9.55 -6.10
CA ARG A 97 -12.14 8.97 -6.23
C ARG A 97 -12.03 8.22 -7.54
N PHE A 98 -13.08 7.47 -7.85
CA PHE A 98 -13.16 6.74 -9.13
C PHE A 98 -13.07 7.66 -10.36
N GLU A 99 -13.94 8.68 -10.40
CA GLU A 99 -13.91 9.66 -11.46
C GLU A 99 -12.57 10.36 -11.51
N LEU A 100 -12.01 10.64 -10.34
CA LEU A 100 -10.67 11.21 -10.27
C LEU A 100 -9.65 10.29 -10.93
N ALA A 101 -9.88 8.98 -10.86
CA ALA A 101 -8.86 8.02 -11.26
C ALA A 101 -8.91 7.62 -12.74
N ASN A 102 -10.03 7.93 -13.40
CA ASN A 102 -10.25 7.56 -14.80
C ASN A 102 -8.98 7.72 -15.67
N GLY A 103 -8.53 6.62 -16.25
CA GLY A 103 -7.30 6.60 -17.02
C GLY A 103 -6.06 6.39 -16.17
N GLY A 104 -6.23 6.37 -14.87
CA GLY A 104 -5.10 6.10 -14.04
C GLY A 104 -5.31 4.79 -13.30
N THR A 105 -4.67 4.70 -12.15
CA THR A 105 -4.82 3.58 -11.23
C THR A 105 -5.61 4.01 -9.99
N LEU A 106 -6.52 3.17 -9.55
CA LEU A 106 -7.15 3.31 -8.24
C LEU A 106 -6.51 2.37 -7.19
N PHE A 107 -5.96 2.94 -6.12
CA PHE A 107 -5.32 2.12 -5.10
C PHE A 107 -6.17 2.00 -3.83
N LEU A 108 -6.91 0.90 -3.72
CA LEU A 108 -7.71 0.57 -2.55
C LEU A 108 -6.82 0.02 -1.45
N ASP A 109 -6.45 0.91 -0.57
CA ASP A 109 -5.58 0.64 0.53
C ASP A 109 -6.43 0.05 1.66
N GLU A 110 -5.97 -1.09 2.19
CA GLU A 110 -6.74 -1.96 3.09
C GLU A 110 -8.17 -2.24 2.63
N ILE A 111 -8.29 -3.03 1.57
CA ILE A 111 -9.61 -3.40 1.02
C ILE A 111 -10.52 -4.15 2.02
N GLY A 112 -9.92 -4.77 3.02
CA GLY A 112 -10.68 -5.53 4.01
C GLY A 112 -11.46 -4.64 4.97
N ASP A 113 -11.14 -3.35 4.96
CA ASP A 113 -11.90 -2.44 5.80
C ASP A 113 -12.98 -1.72 4.98
N MET A 114 -13.16 -2.11 3.72
CA MET A 114 -14.26 -1.53 2.98
C MET A 114 -15.52 -2.23 3.44
N PRO A 115 -16.55 -1.44 3.80
CA PRO A 115 -17.88 -1.93 4.17
C PRO A 115 -18.55 -2.70 3.03
N LEU A 116 -19.48 -3.57 3.36
CA LEU A 116 -20.17 -4.39 2.35
C LEU A 116 -20.91 -3.62 1.22
N PRO A 117 -21.72 -2.59 1.56
CA PRO A 117 -22.42 -1.93 0.44
C PRO A 117 -21.44 -1.36 -0.58
N MET A 118 -20.30 -0.93 -0.05
CA MET A 118 -19.28 -0.42 -0.93
C MET A 118 -18.57 -1.53 -1.70
N GLN A 119 -18.48 -2.73 -1.11
CA GLN A 119 -17.94 -3.86 -1.86
C GLN A 119 -18.82 -4.22 -3.05
N VAL A 120 -20.14 -4.26 -2.86
CA VAL A 120 -20.97 -4.56 -4.02
C VAL A 120 -20.79 -3.43 -5.05
N LYS A 121 -20.84 -2.16 -4.63
CA LYS A 121 -20.68 -1.08 -5.64
C LYS A 121 -19.36 -1.14 -6.42
N LEU A 122 -18.29 -1.42 -5.68
CA LEU A 122 -16.99 -1.67 -6.30
C LEU A 122 -17.06 -2.82 -7.32
N LEU A 123 -17.80 -3.87 -6.97
CA LEU A 123 -17.93 -5.01 -7.88
C LEU A 123 -18.62 -4.57 -9.18
N ARG A 124 -19.75 -3.86 -9.03
CA ARG A 124 -20.50 -3.31 -10.17
C ARG A 124 -19.57 -2.51 -11.05
N VAL A 125 -18.66 -1.79 -10.43
CA VAL A 125 -17.72 -1.06 -11.25
C VAL A 125 -16.76 -1.99 -11.99
N LEU A 126 -16.21 -3.00 -11.31
CA LEU A 126 -15.25 -3.83 -12.02
C LEU A 126 -15.92 -4.70 -13.09
N GLN A 127 -17.24 -4.96 -13.04
CA GLN A 127 -17.62 -5.96 -14.05
C GLN A 127 -18.36 -5.12 -15.10
N GLU A 128 -19.00 -4.01 -14.68
CA GLU A 128 -19.74 -3.16 -15.63
C GLU A 128 -18.98 -1.93 -16.18
N ARG A 129 -18.04 -1.40 -15.40
CA ARG A 129 -17.27 -0.21 -15.75
C ARG A 129 -18.14 1.03 -15.86
N THR A 130 -19.23 1.03 -15.10
CA THR A 130 -20.09 2.17 -14.98
C THR A 130 -20.19 2.57 -13.52
N PHE A 131 -20.78 3.73 -13.28
CA PHE A 131 -21.11 4.19 -11.94
C PHE A 131 -21.92 5.44 -12.11
N GLU A 132 -22.65 5.83 -11.07
CA GLU A 132 -23.28 7.14 -11.08
C GLU A 132 -22.89 7.92 -9.81
N ARG A 133 -22.65 9.22 -9.99
CA ARG A 133 -22.56 10.11 -8.84
C ARG A 133 -23.83 10.02 -7.98
N VAL A 134 -23.66 10.18 -6.68
CA VAL A 134 -24.77 10.15 -5.72
C VAL A 134 -25.83 11.18 -6.09
N GLY A 135 -27.09 10.76 -6.06
CA GLY A 135 -28.20 11.61 -6.42
C GLY A 135 -28.31 11.84 -7.92
N SER A 136 -27.29 11.46 -8.67
CA SER A 136 -27.28 11.70 -10.11
C SER A 136 -27.82 10.52 -10.90
N ASN A 137 -28.56 10.85 -11.96
CA ASN A 137 -29.11 9.88 -12.91
C ASN A 137 -28.04 9.33 -13.86
N LYS A 138 -27.30 10.26 -14.49
CA LYS A 138 -26.30 9.94 -15.49
C LYS A 138 -25.27 8.89 -15.05
N THR A 139 -25.39 7.70 -15.64
CA THR A 139 -24.38 6.68 -15.46
C THR A 139 -23.14 7.00 -16.31
N GLN A 140 -22.08 7.43 -15.65
CA GLN A 140 -20.79 7.59 -16.29
C GLN A 140 -20.08 6.26 -16.42
N ASN A 141 -19.45 6.05 -17.56
CA ASN A 141 -18.52 4.97 -17.70
C ASN A 141 -17.27 5.41 -16.95
N VAL A 142 -16.38 4.47 -16.70
CA VAL A 142 -15.19 4.82 -15.98
C VAL A 142 -14.07 3.88 -16.41
N ASP A 143 -12.84 4.37 -16.37
CA ASP A 143 -11.72 3.63 -16.88
C ASP A 143 -10.52 3.66 -15.92
N VAL A 144 -10.42 2.67 -15.03
CA VAL A 144 -9.31 2.61 -14.08
C VAL A 144 -8.72 1.20 -13.99
N ARG A 145 -7.50 1.13 -13.47
CA ARG A 145 -6.91 -0.15 -13.10
C ARG A 145 -6.91 -0.28 -11.59
N ILE A 146 -7.44 -1.39 -11.10
CA ILE A 146 -7.55 -1.59 -9.67
C ILE A 146 -6.31 -2.28 -9.10
N ILE A 147 -5.80 -1.69 -8.03
CA ILE A 147 -4.79 -2.32 -7.20
C ILE A 147 -5.22 -2.19 -5.75
N ALA A 148 -5.52 -3.33 -5.13
CA ALA A 148 -5.96 -3.36 -3.74
C ALA A 148 -4.90 -3.98 -2.85
N ALA A 149 -4.86 -3.59 -1.60
CA ALA A 149 -3.90 -4.13 -0.65
C ALA A 149 -4.61 -4.57 0.61
N THR A 150 -4.04 -5.53 1.32
CA THR A 150 -4.63 -5.94 2.57
C THR A 150 -3.61 -6.61 3.47
N HIS A 151 -3.78 -6.40 4.77
CA HIS A 151 -3.05 -7.13 5.79
C HIS A 151 -4.00 -8.12 6.48
N LYS A 152 -5.26 -8.13 6.02
CA LYS A 152 -6.28 -8.99 6.60
C LYS A 152 -6.40 -10.33 5.87
N ASN A 153 -7.14 -11.26 6.47
CA ASN A 153 -7.37 -12.56 5.88
C ASN A 153 -8.69 -12.55 5.12
N LEU A 154 -8.64 -12.32 3.82
CA LEU A 154 -9.86 -12.09 3.09
C LEU A 154 -10.73 -13.35 3.02
N GLU A 155 -10.14 -14.52 2.82
CA GLU A 155 -10.95 -15.76 2.78
C GLU A 155 -11.66 -16.05 4.10
N LYS A 156 -10.96 -15.86 5.23
CA LYS A 156 -11.62 -15.92 6.53
C LYS A 156 -12.83 -14.97 6.59
N MET A 157 -12.62 -13.71 6.21
CA MET A 157 -13.71 -12.72 6.17
C MET A 157 -14.86 -13.19 5.29
N ILE A 158 -14.53 -13.82 4.17
CA ILE A 158 -15.50 -14.44 3.29
C ILE A 158 -16.34 -15.42 4.10
N GLU A 159 -15.67 -16.23 4.91
CA GLU A 159 -16.38 -17.19 5.75
C GLU A 159 -17.08 -16.54 6.95
N ASP A 160 -16.58 -15.40 7.42
CA ASP A 160 -17.31 -14.67 8.45
C ASP A 160 -18.39 -13.84 7.84
N GLY A 161 -18.55 -13.95 6.53
CA GLY A 161 -19.52 -13.14 5.81
C GLY A 161 -19.24 -11.65 5.88
N THR A 162 -18.01 -11.24 6.20
CA THR A 162 -17.67 -9.81 6.18
C THR A 162 -16.95 -9.33 4.90
N PHE A 163 -16.61 -10.26 4.02
CA PHE A 163 -16.11 -9.91 2.70
C PHE A 163 -16.84 -10.73 1.67
N ARG A 164 -17.09 -10.13 0.51
CA ARG A 164 -17.92 -10.77 -0.54
C ARG A 164 -17.08 -11.68 -1.40
N GLU A 165 -17.57 -12.88 -1.61
CA GLU A 165 -16.84 -13.86 -2.36
C GLU A 165 -16.68 -13.44 -3.84
N ASP A 166 -17.75 -12.88 -4.40
CA ASP A 166 -17.71 -12.50 -5.80
C ASP A 166 -16.70 -11.38 -6.00
N LEU A 167 -16.67 -10.44 -5.06
CA LEU A 167 -15.70 -9.33 -5.16
C LEU A 167 -14.30 -9.88 -5.06
N TYR A 168 -14.14 -10.78 -4.10
CA TYR A 168 -12.89 -11.47 -3.89
C TYR A 168 -12.32 -12.09 -5.16
N TYR A 169 -13.09 -12.93 -5.86
CA TYR A 169 -12.51 -13.58 -7.03
C TYR A 169 -12.35 -12.62 -8.18
N ARG A 170 -13.15 -11.55 -8.19
CA ARG A 170 -12.98 -10.57 -9.23
C ARG A 170 -11.66 -9.79 -9.08
N LEU A 171 -11.33 -9.42 -7.84
CA LEU A 171 -10.12 -8.65 -7.51
C LEU A 171 -8.83 -9.44 -7.50
N ASN A 172 -8.91 -10.64 -6.97
CA ASN A 172 -7.73 -11.45 -6.75
C ASN A 172 -7.28 -12.18 -8.01
N VAL A 173 -7.32 -11.48 -9.14
CA VAL A 173 -6.76 -12.04 -10.35
C VAL A 173 -5.28 -12.32 -10.18
N PHE A 174 -4.50 -11.30 -9.83
CA PHE A 174 -3.07 -11.49 -9.69
C PHE A 174 -2.64 -11.12 -8.28
N PRO A 175 -2.53 -12.14 -7.43
CA PRO A 175 -2.09 -11.94 -6.06
C PRO A 175 -0.58 -11.77 -5.98
N ILE A 176 -0.15 -10.83 -5.15
CA ILE A 176 1.24 -10.65 -4.83
C ILE A 176 1.40 -10.59 -3.32
N GLU A 177 2.17 -11.53 -2.74
CA GLU A 177 2.38 -11.58 -1.29
C GLU A 177 3.71 -10.97 -0.89
N MET A 178 3.69 -10.16 0.17
CA MET A 178 4.87 -9.48 0.67
C MET A 178 5.26 -10.12 1.97
N ALA A 179 6.46 -10.71 1.98
CA ALA A 179 6.97 -11.37 3.15
C ALA A 179 7.28 -10.32 4.20
N PRO A 180 6.99 -10.65 5.45
CA PRO A 180 7.36 -9.76 6.54
C PRO A 180 8.88 -9.79 6.72
N LEU A 181 9.40 -8.70 7.26
CA LEU A 181 10.83 -8.49 7.40
C LEU A 181 11.49 -9.64 8.13
N ARG A 182 10.83 -10.14 9.17
CA ARG A 182 11.39 -11.24 9.95
C ARG A 182 11.54 -12.52 9.13
N GLU A 183 11.04 -12.53 7.89
CA GLU A 183 11.28 -13.65 6.98
C GLU A 183 12.19 -13.25 5.85
N ARG A 184 12.85 -12.11 5.98
CA ARG A 184 13.76 -11.62 4.94
C ARG A 184 14.98 -10.93 5.54
N VAL A 185 15.44 -11.39 6.69
CA VAL A 185 16.50 -10.69 7.42
C VAL A 185 17.72 -10.39 6.53
N GLU A 186 17.95 -11.23 5.54
CA GLU A 186 18.98 -11.03 4.52
C GLU A 186 18.93 -9.65 3.88
N ASP A 187 17.76 -9.03 3.91
CA ASP A 187 17.55 -7.78 3.19
C ASP A 187 17.78 -6.58 4.09
N ILE A 188 17.79 -6.81 5.39
CA ILE A 188 17.87 -5.71 6.33
C ILE A 188 19.04 -4.75 6.10
N ALA A 189 20.24 -5.29 5.92
CA ALA A 189 21.41 -4.44 5.66
C ALA A 189 21.16 -3.62 4.41
N LEU A 190 20.64 -4.28 3.39
CA LEU A 190 20.46 -3.59 2.13
C LEU A 190 19.45 -2.52 2.43
N LEU A 191 18.40 -2.91 3.16
CA LEU A 191 17.33 -1.98 3.49
C LEU A 191 17.97 -0.80 4.23
N LEU A 192 18.83 -1.09 5.20
CA LEU A 192 19.51 -0.04 5.93
C LEU A 192 20.21 0.94 5.00
N ASN A 193 21.01 0.39 4.09
CA ASN A 193 21.84 1.24 3.22
C ASN A 193 20.93 2.10 2.40
N GLU A 194 19.78 1.55 2.01
CA GLU A 194 18.82 2.34 1.24
C GLU A 194 18.29 3.51 2.12
N LEU A 195 17.79 3.17 3.31
CA LEU A 195 17.11 4.17 4.13
C LEU A 195 18.05 5.28 4.54
N ILE A 196 19.29 4.90 4.83
CA ILE A 196 20.27 5.88 5.22
C ILE A 196 20.57 6.79 4.02
N SER A 197 20.68 6.18 2.83
CA SER A 197 21.04 6.92 1.62
C SER A 197 20.01 8.01 1.32
N ARG A 198 18.74 7.61 1.21
CA ARG A 198 17.59 8.52 1.20
C ARG A 198 17.80 9.67 2.18
N MET A 199 18.06 9.31 3.45
CA MET A 199 18.09 10.30 4.52
C MET A 199 19.25 11.28 4.35
N GLU A 200 20.27 10.83 3.64
CA GLU A 200 21.39 11.71 3.33
C GLU A 200 20.98 12.59 2.16
N HIS A 201 20.43 11.98 1.11
CA HIS A 201 20.00 12.72 -0.08
CA HIS A 201 20.00 12.73 -0.07
C HIS A 201 18.85 13.66 0.26
N GLU A 202 18.34 13.57 1.48
CA GLU A 202 17.27 14.45 1.94
C GLU A 202 17.70 15.34 3.09
N LYS A 203 18.96 15.79 3.08
CA LYS A 203 19.47 16.78 4.06
C LYS A 203 19.44 16.29 5.51
N ARG A 204 18.78 15.15 5.75
CA ARG A 204 18.21 14.84 7.06
C ARG A 204 19.13 14.13 8.05
N GLY A 205 20.39 13.98 7.70
CA GLY A 205 21.34 13.35 8.61
C GLY A 205 22.04 12.12 8.06
N SER A 206 22.84 11.50 8.92
CA SER A 206 23.62 10.34 8.51
C SER A 206 23.99 9.46 9.70
N ILE A 207 23.93 8.16 9.51
CA ILE A 207 24.48 7.21 10.48
C ILE A 207 24.99 6.03 9.69
N ARG A 208 25.62 5.08 10.37
CA ARG A 208 25.74 3.75 9.80
C ARG A 208 25.86 2.75 10.93
N PHE A 209 25.62 1.48 10.59
CA PHE A 209 25.53 0.44 11.59
C PHE A 209 26.75 -0.46 11.51
N ASN A 210 27.17 -0.97 12.67
CA ASN A 210 28.25 -1.94 12.71
C ASN A 210 27.67 -3.33 12.80
N SER A 211 28.52 -4.34 12.62
CA SER A 211 28.03 -5.69 12.37
C SER A 211 27.24 -6.25 13.55
N ALA A 212 27.67 -5.94 14.76
CA ALA A 212 26.98 -6.42 15.95
C ALA A 212 25.53 -5.90 15.98
N ALA A 213 25.40 -4.58 15.79
CA ALA A 213 24.10 -3.92 15.70
C ALA A 213 23.23 -4.57 14.65
N ILE A 214 23.81 -4.79 13.48
CA ILE A 214 23.11 -5.41 12.36
C ILE A 214 22.63 -6.83 12.69
N MET A 215 23.40 -7.57 13.47
CA MET A 215 22.96 -8.91 13.86
C MET A 215 21.77 -8.78 14.81
N SER A 216 21.91 -7.86 15.77
CA SER A 216 20.85 -7.56 16.73
C SER A 216 19.53 -7.28 16.00
N LEU A 217 19.57 -6.32 15.07
CA LEU A 217 18.41 -5.98 14.25
C LEU A 217 17.93 -7.17 13.40
N CYS A 218 18.85 -8.04 12.99
CA CYS A 218 18.45 -9.25 12.26
C CYS A 218 17.77 -10.28 13.16
N ARG A 219 17.87 -10.14 14.46
CA ARG A 219 17.11 -11.07 15.33
C ARG A 219 15.81 -10.47 15.91
N HIS A 220 15.42 -9.30 15.42
CA HIS A 220 14.23 -8.59 15.90
C HIS A 220 12.97 -9.03 15.13
N ASP A 221 11.82 -9.02 15.80
CA ASP A 221 10.55 -9.52 15.23
C ASP A 221 9.88 -8.55 14.21
N TRP A 222 10.29 -7.29 14.22
CA TRP A 222 9.76 -6.28 13.28
C TRP A 222 8.27 -6.32 13.02
N PRO A 223 7.45 -6.11 14.06
CA PRO A 223 6.00 -6.11 13.86
C PRO A 223 5.50 -4.94 12.99
N GLY A 224 6.31 -3.90 12.83
CA GLY A 224 5.99 -2.81 11.93
C GLY A 224 6.82 -2.90 10.66
N ASN A 225 7.62 -3.97 10.58
CA ASN A 225 8.44 -4.27 9.43
C ASN A 225 9.30 -3.10 8.93
N VAL A 226 9.20 -2.79 7.66
CA VAL A 226 10.17 -1.90 7.04
C VAL A 226 9.96 -0.49 7.53
N ARG A 227 8.70 -0.15 7.76
CA ARG A 227 8.37 1.19 8.24
C ARG A 227 8.85 1.44 9.70
N GLU A 228 8.77 0.41 10.53
CA GLU A 228 9.42 0.40 11.83
C GLU A 228 10.97 0.55 11.70
N LEU A 229 11.58 -0.21 10.80
CA LEU A 229 13.00 -0.04 10.49
C LEU A 229 13.36 1.42 10.16
N ALA A 230 12.54 2.05 9.33
CA ALA A 230 12.77 3.41 8.84
C ALA A 230 12.64 4.40 10.00
N ASN A 231 11.63 4.17 10.83
CA ASN A 231 11.49 4.90 12.08
C ASN A 231 12.79 4.84 12.92
N LEU A 232 13.31 3.62 13.11
CA LEU A 232 14.51 3.43 13.91
C LEU A 232 15.70 4.20 13.33
N VAL A 233 15.89 4.12 12.01
CA VAL A 233 16.96 4.84 11.34
C VAL A 233 16.86 6.35 11.59
N GLU A 234 15.64 6.89 11.43
CA GLU A 234 15.47 8.33 11.69
C GLU A 234 15.80 8.71 13.14
N ARG A 235 15.27 7.93 14.08
CA ARG A 235 15.48 8.27 15.49
C ARG A 235 16.96 8.20 15.88
N LEU A 236 17.62 7.12 15.47
CA LEU A 236 19.03 6.94 15.73
C LEU A 236 19.87 8.03 15.08
N ALA A 237 19.50 8.45 13.87
CA ALA A 237 20.20 9.59 13.21
C ALA A 237 20.03 10.87 14.00
N ILE A 238 18.93 11.00 14.73
CA ILE A 238 18.84 12.16 15.64
C ILE A 238 19.73 11.97 16.87
N MET A 239 19.66 10.82 17.51
CA MET A 239 20.35 10.69 18.79
C MET A 239 21.86 10.65 18.63
N HIS A 240 22.33 10.10 17.52
CA HIS A 240 23.76 9.97 17.28
C HIS A 240 24.13 10.48 15.90
N PRO A 241 23.97 11.80 15.72
CA PRO A 241 24.22 12.39 14.40
C PRO A 241 25.62 12.01 13.92
N TYR A 242 25.69 11.64 12.64
CA TYR A 242 26.89 11.16 12.01
C TYR A 242 27.68 10.13 12.81
N GLY A 243 26.98 9.27 13.57
CA GLY A 243 27.63 8.29 14.39
C GLY A 243 27.62 6.86 13.85
N VAL A 244 28.41 6.00 14.47
CA VAL A 244 28.33 4.59 14.16
C VAL A 244 27.45 3.94 15.21
N ILE A 245 26.49 3.11 14.77
CA ILE A 245 25.52 2.58 15.71
C ILE A 245 25.88 1.15 16.10
N GLY A 246 26.16 0.99 17.38
CA GLY A 246 26.50 -0.28 17.94
C GLY A 246 25.34 -0.76 18.78
N VAL A 247 25.51 -1.96 19.32
CA VAL A 247 24.51 -2.62 20.14
C VAL A 247 24.02 -1.76 21.29
N GLY A 248 24.93 -0.99 21.89
CA GLY A 248 24.56 -0.17 23.01
C GLY A 248 23.92 1.15 22.62
N GLU A 249 23.78 1.41 21.32
CA GLU A 249 23.08 2.60 20.84
C GLU A 249 21.63 2.27 20.50
N LEU A 250 21.41 1.02 20.08
CA LEU A 250 20.06 0.49 19.91
C LEU A 250 19.26 0.64 21.18
N PRO A 251 18.01 1.09 21.03
CA PRO A 251 17.03 0.98 22.10
C PRO A 251 16.99 -0.46 22.64
N LYS A 252 16.72 -0.61 23.94
CA LYS A 252 16.82 -1.92 24.58
C LYS A 252 15.91 -2.90 23.85
N LYS A 253 14.79 -2.39 23.42
CA LYS A 253 13.81 -3.12 22.62
C LYS A 253 14.44 -3.93 21.48
N PHE A 254 15.41 -3.34 20.78
CA PHE A 254 16.02 -3.94 19.58
C PHE A 254 17.28 -4.77 19.82
N ARG A 255 17.76 -4.78 21.07
CA ARG A 255 18.92 -5.59 21.43
C ARG A 255 18.58 -7.05 21.57
N HIS A 256 19.29 -7.89 20.84
CA HIS A 256 19.13 -9.31 20.98
C HIS A 256 20.52 -9.94 20.84
N VAL A 257 21.16 -10.33 21.94
CA VAL A 257 22.54 -10.82 21.84
C VAL A 257 22.72 -12.13 22.62
PG AGS B . 0.56 0.13 5.10
S1G AGS B . 0.33 0.13 7.05
O2G AGS B . 0.34 1.57 4.52
O3G AGS B . -0.47 -0.85 4.44
PB AGS B . 2.51 -0.79 3.39
O1B AGS B . 2.42 -2.24 3.14
O2B AGS B . 1.76 0.00 2.31
O3B AGS B . 1.98 -0.43 4.82
PA AGS B . 4.64 0.96 2.69
O1A AGS B . 5.22 0.53 1.41
O2A AGS B . 3.55 2.03 2.51
O3A AGS B . 4.04 -0.31 3.44
O5' AGS B . 5.77 1.59 3.66
C5' AGS B . 7.09 1.05 3.87
C4' AGS B . 8.09 2.17 3.88
O4' AGS B . 9.42 1.66 3.65
C3' AGS B . 7.91 3.23 2.80
O3' AGS B . 8.41 4.48 3.25
C2' AGS B . 8.68 2.64 1.61
O2' AGS B . 9.27 3.65 0.80
C1' AGS B . 9.76 1.79 2.28
N9 AGS B . 9.96 0.45 1.72
C8 AGS B . 9.14 -0.64 1.89
N7 AGS B . 9.57 -1.73 1.29
C5 AGS B . 10.76 -1.34 0.71
C6 AGS B . 11.71 -2.03 -0.07
N6 AGS B . 11.61 -3.32 -0.39
N1 AGS B . 12.79 -1.35 -0.50
C2 AGS B . 12.90 -0.06 -0.18
N3 AGS B . 12.08 0.70 0.54
C4 AGS B . 11.02 0.00 0.95
MG MG C . -0.44 2.16 2.35
C1 GOL D . -2.95 0.89 8.75
O1 GOL D . -3.68 0.66 7.55
C2 GOL D . -3.35 -0.12 9.83
O2 GOL D . -3.47 0.50 11.11
C3 GOL D . -2.29 -1.21 9.93
O3 GOL D . -2.37 -1.88 11.18
#